data_3PHQ
#
_entry.id   3PHQ
#
_cell.length_a   60.840
_cell.length_b   81.150
_cell.length_c   94.190
_cell.angle_alpha   90.00
_cell.angle_beta   90.00
_cell.angle_gamma   90.00
#
_symmetry.space_group_name_H-M   'P 21 21 21'
#
loop_
_entity.id
_entity.type
_entity.pdbx_description
1 polymer 'S64-4 Fab (IgG1) light chain'
2 polymer 'S64-4 Fab (IgG1) heavy chain'
3 non-polymer '3-deoxy-alpha-D-manno-oct-2-ulopyranosonic acid'
4 water water
#
loop_
_entity_poly.entity_id
_entity_poly.type
_entity_poly.pdbx_seq_one_letter_code
_entity_poly.pdbx_strand_id
1 'polypeptide(L)'
;DIVLTQSPASLAVSLGQRATISCRASKSVSSSVNSYMHWYQQKPGQPPKLLIYLASNLESGVPARFSGSGSGTDFTLNIH
PVEEEDAATYYCQHSRELRTFGGGTKLEIKRADAAPTVSIFPPSSEQLTSGGASVVCFLNNFYPKDINVKWKIDGSERQN
GVLNSWTDQDSKDSTYSMSSTLTLTKDEYERHNSYTCEATHKTSTSPVVKSFNRNEC
;
A
2 'polypeptide(L)'
;EVMLVESGGGLVQPGGSLRLSCATSGFTFIDYYMSWVRQPPGKALEWLGFIRNKGNGYTTEYSTSVKGRFTISRDNSQSA
VYLQMNTLRAEDSATYYCARDIGYGNSPFAYWGQGTLVTVSAASITPPSVYPLAPGSAAQTNSMVTLGCLVKGYFPEPVT
VTWNSGSLSSGVHTFPAVLQSDLYTLSSSVTVPSSTWPSETVTCNVAHPASSTKVDKKIVPR
;
B
#
loop_
_chem_comp.id
_chem_comp.type
_chem_comp.name
_chem_comp.formula
KDO D-saccharide, alpha linking '3-deoxy-alpha-D-manno-oct-2-ulopyranosonic acid' 'C8 H14 O8'
#
# COMPACT_ATOMS: atom_id res chain seq x y z
N ILE A 2 4.30 2.35 27.63
CA ILE A 2 2.95 1.73 27.55
C ILE A 2 2.83 0.73 26.39
N VAL A 3 2.00 -0.29 26.60
CA VAL A 3 1.72 -1.29 25.57
C VAL A 3 0.24 -1.25 25.20
N LEU A 4 -0.03 -1.05 23.91
CA LEU A 4 -1.41 -1.10 23.39
C LEU A 4 -1.64 -2.35 22.58
N THR A 5 -2.58 -3.18 23.03
CA THR A 5 -2.86 -4.45 22.37
C THR A 5 -4.18 -4.42 21.63
N GLN A 6 -4.09 -4.31 20.31
CA GLN A 6 -5.27 -4.27 19.45
C GLN A 6 -5.66 -5.67 19.03
N SER A 7 -6.93 -6.02 19.23
CA SER A 7 -7.45 -7.27 18.67
C SER A 7 -8.88 -7.11 18.11
N PRO A 8 -9.25 -7.96 17.11
CA PRO A 8 -8.35 -8.93 16.47
C PRO A 8 -7.44 -8.23 15.47
N ALA A 9 -6.41 -8.93 15.02
CA ALA A 9 -5.52 -8.39 14.00
C ALA A 9 -6.22 -8.39 12.63
N SER A 10 -7.24 -9.25 12.49
CA SER A 10 -8.03 -9.27 11.26
C SER A 10 -9.48 -9.70 11.55
N LEU A 11 -10.42 -9.12 10.79
CA LEU A 11 -11.80 -9.55 10.89
C LEU A 11 -12.54 -9.27 9.60
N ALA A 12 -13.53 -10.10 9.32
CA ALA A 12 -14.38 -9.98 8.16
C ALA A 12 -15.81 -9.77 8.64
N VAL A 13 -16.51 -8.79 8.06
CA VAL A 13 -17.85 -8.42 8.47
C VAL A 13 -18.72 -8.26 7.23
N SER A 14 -19.95 -8.76 7.30
CA SER A 14 -20.89 -8.62 6.18
C SER A 14 -21.33 -7.18 6.02
N LEU A 15 -21.56 -6.78 4.77
CA LEU A 15 -22.07 -5.45 4.48
C LEU A 15 -23.29 -5.21 5.36
N GLY A 16 -23.32 -4.05 6.00
CA GLY A 16 -24.45 -3.63 6.82
C GLY A 16 -24.49 -4.23 8.20
N GLN A 17 -23.44 -4.97 8.57
CA GLN A 17 -23.33 -5.60 9.87
CA GLN A 17 -23.37 -5.55 9.90
C GLN A 17 -22.36 -4.82 10.78
N ARG A 18 -22.04 -5.39 11.93
CA ARG A 18 -21.25 -4.72 12.93
C ARG A 18 -19.81 -5.22 13.02
N ALA A 19 -18.88 -4.29 13.01
CA ALA A 19 -17.48 -4.56 13.20
C ALA A 19 -17.08 -4.05 14.58
N THR A 20 -16.52 -4.93 15.42
CA THR A 20 -16.05 -4.55 16.77
C THR A 20 -14.56 -4.80 16.94
N ILE A 21 -13.80 -3.73 17.21
CA ILE A 21 -12.36 -3.77 17.30
C ILE A 21 -11.95 -3.28 18.69
N SER A 22 -11.06 -4.04 19.32
CA SER A 22 -10.70 -3.77 20.71
C SER A 22 -9.27 -3.29 20.86
N CYS A 23 -9.04 -2.45 21.87
CA CYS A 23 -7.71 -1.94 22.15
C CYS A 23 -7.54 -1.90 23.66
N ARG A 24 -6.56 -2.66 24.17
CA ARG A 24 -6.27 -2.69 25.60
C ARG A 24 -4.91 -2.10 25.94
N ALA A 25 -4.91 -1.14 26.86
CA ALA A 25 -3.67 -0.50 27.30
C ALA A 25 -3.10 -1.18 28.54
N SER A 26 -1.78 -1.21 28.65
CA SER A 26 -1.10 -1.80 29.83
C SER A 26 -1.36 -0.98 31.10
N LYS A 27 -1.63 0.32 30.93
CA LYS A 27 -2.06 1.19 32.02
C LYS A 27 -3.23 2.08 31.55
N SER A 28 -3.95 2.66 32.50
CA SER A 28 -5.04 3.58 32.15
C SER A 28 -4.53 4.79 31.36
N VAL A 29 -5.29 5.19 30.35
CA VAL A 29 -4.96 6.40 29.59
C VAL A 29 -6.00 7.48 29.87
N SER A 30 -6.79 7.27 30.93
CA SER A 30 -7.79 8.27 31.32
C SER A 30 -7.23 9.27 32.33
N SER A 31 -7.35 10.56 32.02
CA SER A 31 -7.04 11.60 32.98
C SER A 31 -8.28 11.83 33.86
N SER A 32 -8.31 12.96 34.57
CA SER A 32 -9.49 13.29 35.37
C SER A 32 -10.60 13.88 34.49
N VAL A 33 -10.31 14.10 33.22
CA VAL A 33 -11.27 14.73 32.30
C VAL A 33 -11.53 13.88 31.03
N ASN A 34 -10.46 13.38 30.43
CA ASN A 34 -10.52 12.74 29.10
C ASN A 34 -9.84 11.37 29.07
N SER A 35 -10.30 10.50 28.16
CA SER A 35 -9.56 9.26 27.86
C SER A 35 -8.78 9.45 26.56
N TYR A 36 -7.45 9.37 26.65
CA TYR A 36 -6.58 9.71 25.53
C TYR A 36 -6.37 8.54 24.54
N MET A 37 -7.42 8.20 23.82
CA MET A 37 -7.42 7.08 22.86
C MET A 37 -7.96 7.59 21.54
N HIS A 38 -7.15 7.46 20.49
CA HIS A 38 -7.53 7.79 19.13
C HIS A 38 -7.81 6.50 18.33
N TRP A 39 -8.68 6.60 17.34
CA TRP A 39 -8.90 5.54 16.37
C TRP A 39 -8.71 6.11 14.96
N TYR A 40 -7.93 5.39 14.14
CA TYR A 40 -7.67 5.83 12.76
C TYR A 40 -8.18 4.83 11.74
N GLN A 41 -8.45 5.32 10.54
CA GLN A 41 -8.72 4.46 9.40
C GLN A 41 -7.62 4.72 8.39
N GLN A 42 -7.02 3.68 7.85
CA GLN A 42 -6.04 3.89 6.78
C GLN A 42 -6.30 2.99 5.58
N LYS A 43 -6.40 3.63 4.41
CA LYS A 43 -6.55 2.96 3.13
C LYS A 43 -5.21 2.92 2.39
N PRO A 44 -5.01 1.92 1.50
CA PRO A 44 -3.76 1.78 0.76
C PRO A 44 -3.33 3.07 0.04
N GLY A 45 -2.05 3.43 0.19
CA GLY A 45 -1.47 4.59 -0.50
C GLY A 45 -1.84 5.93 0.11
N GLN A 46 -2.43 5.91 1.30
CA GLN A 46 -2.88 7.14 1.95
C GLN A 46 -2.34 7.24 3.38
N PRO A 47 -2.16 8.48 3.88
CA PRO A 47 -1.92 8.68 5.31
C PRO A 47 -3.14 8.24 6.11
N PRO A 48 -2.95 7.95 7.41
CA PRO A 48 -4.08 7.57 8.27
C PRO A 48 -5.10 8.72 8.36
N LYS A 49 -6.38 8.36 8.59
CA LYS A 49 -7.46 9.32 8.79
C LYS A 49 -7.95 9.17 10.22
N LEU A 50 -7.97 10.28 10.96
CA LEU A 50 -8.52 10.28 12.32
C LEU A 50 -10.05 10.20 12.31
N LEU A 51 -10.57 9.14 12.93
CA LEU A 51 -12.02 8.93 13.06
C LEU A 51 -12.53 9.40 14.42
N ILE A 52 -11.87 8.96 15.49
CA ILE A 52 -12.37 9.14 16.86
C ILE A 52 -11.28 9.77 17.69
N TYR A 53 -11.59 10.89 18.35
CA TYR A 53 -10.65 11.53 19.26
C TYR A 53 -11.17 11.39 20.70
N LEU A 54 -10.24 11.31 21.65
CA LEU A 54 -10.58 11.11 23.05
C LEU A 54 -11.64 10.03 23.23
N ALA A 55 -11.36 8.86 22.68
CA ALA A 55 -12.15 7.66 22.88
C ALA A 55 -13.57 7.61 22.30
N SER A 56 -14.33 8.71 22.39
CA SER A 56 -15.75 8.62 22.04
C SER A 56 -16.27 9.73 21.12
N ASN A 57 -15.39 10.62 20.67
CA ASN A 57 -15.83 11.74 19.83
C ASN A 57 -15.51 11.56 18.37
N LEU A 58 -16.49 11.88 17.52
CA LEU A 58 -16.32 11.82 16.06
C LEU A 58 -15.63 13.09 15.58
N GLU A 59 -14.51 12.94 14.87
CA GLU A 59 -13.92 14.05 14.12
C GLU A 59 -14.93 14.60 13.12
N SER A 60 -14.82 15.89 12.79
CA SER A 60 -15.80 16.55 11.89
C SER A 60 -15.91 15.79 10.59
N GLY A 61 -17.15 15.56 10.16
CA GLY A 61 -17.43 14.92 8.87
C GLY A 61 -17.36 13.40 8.87
N VAL A 62 -16.96 12.80 9.99
CA VAL A 62 -16.86 11.35 10.07
C VAL A 62 -18.29 10.79 10.24
N PRO A 63 -18.65 9.80 9.41
CA PRO A 63 -20.00 9.22 9.42
C PRO A 63 -20.39 8.67 10.78
N ALA A 64 -21.69 8.62 11.04
CA ALA A 64 -22.24 8.26 12.35
C ALA A 64 -22.09 6.77 12.65
N ARG A 65 -21.82 6.00 11.61
CA ARG A 65 -21.68 4.56 11.76
C ARG A 65 -20.43 4.22 12.59
N PHE A 66 -19.50 5.16 12.67
CA PHE A 66 -18.31 4.99 13.50
C PHE A 66 -18.63 5.39 14.93
N SER A 67 -18.32 4.51 15.88
CA SER A 67 -18.55 4.80 17.30
C SER A 67 -17.39 4.27 18.16
N GLY A 68 -16.95 5.07 19.13
CA GLY A 68 -15.93 4.64 20.10
C GLY A 68 -16.44 4.66 21.53
N SER A 69 -16.00 3.68 22.32
CA SER A 69 -16.37 3.64 23.75
C SER A 69 -15.21 3.12 24.61
N GLY A 70 -15.38 3.24 25.91
CA GLY A 70 -14.41 2.71 26.86
C GLY A 70 -13.77 3.78 27.70
N SER A 71 -13.02 3.33 28.69
CA SER A 71 -12.30 4.18 29.61
C SER A 71 -11.21 3.34 30.25
N GLY A 72 -10.23 4.02 30.83
CA GLY A 72 -9.18 3.35 31.57
C GLY A 72 -8.23 2.61 30.65
N THR A 73 -8.29 1.29 30.67
CA THR A 73 -7.40 0.47 29.87
C THR A 73 -8.10 -0.20 28.69
N ASP A 74 -9.42 -0.22 28.70
CA ASP A 74 -10.18 -0.98 27.69
C ASP A 74 -11.05 -0.11 26.78
N PHE A 75 -10.81 -0.21 25.47
CA PHE A 75 -11.49 0.62 24.46
C PHE A 75 -11.99 -0.21 23.28
N THR A 76 -13.01 0.32 22.61
CA THR A 76 -13.72 -0.38 21.54
C THR A 76 -14.10 0.61 20.46
N LEU A 77 -13.74 0.28 19.22
CA LEU A 77 -14.26 0.96 18.04
C LEU A 77 -15.34 0.06 17.47
N ASN A 78 -16.52 0.61 17.27
CA ASN A 78 -17.62 -0.09 16.62
C ASN A 78 -17.97 0.56 15.30
N ILE A 79 -18.17 -0.24 14.26
CA ILE A 79 -18.63 0.30 12.99
C ILE A 79 -19.91 -0.44 12.64
N HIS A 80 -21.01 0.30 12.54
CA HIS A 80 -22.29 -0.31 12.24
C HIS A 80 -23.27 0.72 11.70
N PRO A 81 -23.88 0.46 10.53
CA PRO A 81 -23.62 -0.68 9.63
C PRO A 81 -22.39 -0.43 8.77
N VAL A 82 -21.54 -1.44 8.61
CA VAL A 82 -20.35 -1.30 7.78
C VAL A 82 -20.73 -1.07 6.31
N GLU A 83 -19.91 -0.28 5.61
CA GLU A 83 -20.10 0.02 4.20
C GLU A 83 -18.94 -0.60 3.44
N GLU A 84 -19.11 -0.74 2.13
CA GLU A 84 -18.07 -1.31 1.29
C GLU A 84 -16.75 -0.55 1.40
N GLU A 85 -16.85 0.77 1.55
CA GLU A 85 -15.65 1.62 1.60
C GLU A 85 -14.88 1.42 2.91
N ASP A 86 -15.48 0.71 3.87
CA ASP A 86 -14.87 0.55 5.20
C ASP A 86 -13.75 -0.50 5.19
N ALA A 87 -13.55 -1.17 4.05
CA ALA A 87 -12.46 -2.10 3.87
C ALA A 87 -11.15 -1.33 4.03
N ALA A 88 -10.45 -1.59 5.12
CA ALA A 88 -9.28 -0.79 5.49
C ALA A 88 -8.58 -1.39 6.70
N THR A 89 -7.46 -0.77 7.07
CA THR A 89 -6.81 -1.12 8.33
C THR A 89 -7.11 -0.04 9.36
N TYR A 90 -7.45 -0.46 10.57
CA TYR A 90 -7.75 0.47 11.65
C TYR A 90 -6.68 0.42 12.75
N TYR A 91 -6.34 1.57 13.33
CA TYR A 91 -5.37 1.65 14.43
C TYR A 91 -5.97 2.41 15.59
N CYS A 92 -5.72 1.89 16.79
CA CYS A 92 -5.87 2.69 18.00
C CYS A 92 -4.51 3.34 18.35
N GLN A 93 -4.54 4.42 19.13
CA GLN A 93 -3.30 5.08 19.54
C GLN A 93 -3.52 5.84 20.84
N HIS A 94 -2.57 5.72 21.76
CA HIS A 94 -2.51 6.60 22.94
C HIS A 94 -2.20 8.01 22.43
N SER A 95 -3.13 8.94 22.60
CA SER A 95 -3.04 10.25 21.98
C SER A 95 -2.23 11.27 22.79
N ARG A 96 -1.60 10.81 23.85
CA ARG A 96 -0.61 11.64 24.54
C ARG A 96 0.60 10.83 25.03
N GLU A 97 1.44 11.49 25.84
CA GLU A 97 2.71 10.90 26.33
C GLU A 97 3.53 10.36 25.15
N LEU A 98 3.85 9.08 25.17
CA LEU A 98 4.68 8.48 24.11
C LEU A 98 3.90 8.05 22.85
N ARG A 99 2.62 8.43 22.79
CA ARG A 99 1.84 8.38 21.55
C ARG A 99 1.86 7.03 20.82
N THR A 100 1.81 5.96 21.60
CA THR A 100 1.94 4.59 21.14
C THR A 100 0.77 4.15 20.26
N PHE A 101 1.08 3.61 19.09
CA PHE A 101 0.08 3.05 18.19
C PHE A 101 -0.14 1.60 18.52
N GLY A 102 -1.39 1.15 18.41
CA GLY A 102 -1.68 -0.28 18.44
C GLY A 102 -1.18 -0.92 17.15
N GLY A 103 -1.27 -2.25 17.09
CA GLY A 103 -0.67 -3.01 16.00
C GLY A 103 -1.53 -3.02 14.73
N GLY A 104 -2.79 -2.63 14.86
CA GLY A 104 -3.66 -2.51 13.68
C GLY A 104 -4.60 -3.67 13.50
N THR A 105 -5.71 -3.40 12.82
CA THR A 105 -6.70 -4.40 12.50
C THR A 105 -7.13 -4.22 11.05
N LYS A 106 -6.92 -5.25 10.24
CA LYS A 106 -7.40 -5.22 8.85
C LYS A 106 -8.84 -5.70 8.76
N LEU A 107 -9.73 -4.82 8.32
CA LEU A 107 -11.14 -5.16 8.18
C LEU A 107 -11.50 -5.55 6.74
N GLU A 108 -12.04 -6.75 6.58
CA GLU A 108 -12.55 -7.23 5.31
C GLU A 108 -14.06 -7.07 5.31
N ILE A 109 -14.58 -6.57 4.20
CA ILE A 109 -16.02 -6.54 4.01
C ILE A 109 -16.38 -7.74 3.15
N LYS A 110 -17.19 -8.63 3.69
CA LYS A 110 -17.57 -9.85 2.97
C LYS A 110 -18.50 -9.54 1.78
N ARG A 111 -18.48 -10.40 0.78
CA ARG A 111 -19.37 -10.26 -0.38
C ARG A 111 -19.67 -11.65 -0.90
N ALA A 112 -20.49 -11.75 -1.95
CA ALA A 112 -20.76 -13.05 -2.56
C ALA A 112 -19.49 -13.63 -3.18
N ASP A 113 -19.36 -14.96 -3.15
CA ASP A 113 -18.26 -15.64 -3.82
C ASP A 113 -18.17 -15.22 -5.28
N ALA A 114 -16.94 -15.14 -5.78
CA ALA A 114 -16.72 -14.75 -7.18
C ALA A 114 -15.50 -15.47 -7.68
N ALA A 115 -15.67 -16.21 -8.78
CA ALA A 115 -14.55 -16.91 -9.43
C ALA A 115 -13.58 -15.90 -10.05
N PRO A 116 -12.27 -16.19 -10.01
CA PRO A 116 -11.27 -15.32 -10.63
C PRO A 116 -11.42 -15.31 -12.15
N THR A 117 -11.26 -14.14 -12.77
CA THR A 117 -11.12 -14.06 -14.22
C THR A 117 -9.64 -14.22 -14.50
N VAL A 118 -9.30 -15.29 -15.22
CA VAL A 118 -7.91 -15.69 -15.38
C VAL A 118 -7.47 -15.40 -16.80
N SER A 119 -6.32 -14.75 -16.95
CA SER A 119 -5.78 -14.45 -18.27
C SER A 119 -4.29 -14.77 -18.31
N ILE A 120 -3.86 -15.43 -19.38
CA ILE A 120 -2.44 -15.78 -19.50
C ILE A 120 -1.80 -15.03 -20.67
N PHE A 121 -0.55 -14.64 -20.49
CA PHE A 121 0.18 -13.87 -21.50
C PHE A 121 1.59 -14.44 -21.75
N PRO A 122 1.89 -14.79 -23.03
CA PRO A 122 3.26 -15.21 -23.39
C PRO A 122 4.24 -14.06 -23.28
N PRO A 123 5.55 -14.35 -23.27
CA PRO A 123 6.57 -13.30 -23.29
C PRO A 123 6.39 -12.35 -24.48
N SER A 124 6.66 -11.07 -24.27
CA SER A 124 6.61 -10.08 -25.34
C SER A 124 7.82 -10.27 -26.26
N SER A 125 7.67 -9.85 -27.51
CA SER A 125 8.78 -9.96 -28.45
C SER A 125 9.94 -9.10 -27.99
N GLU A 126 9.66 -7.97 -27.34
CA GLU A 126 10.73 -7.11 -26.82
C GLU A 126 11.47 -7.67 -25.63
N GLN A 127 10.80 -8.43 -24.77
CA GLN A 127 11.54 -9.09 -23.70
C GLN A 127 12.47 -10.16 -24.27
N LEU A 128 11.95 -10.91 -25.24
CA LEU A 128 12.70 -12.00 -25.88
C LEU A 128 13.98 -11.49 -26.55
N THR A 129 13.89 -10.36 -27.24
CA THR A 129 15.06 -9.72 -27.81
C THR A 129 16.18 -9.51 -26.78
N SER A 130 15.80 -9.21 -25.53
CA SER A 130 16.79 -9.02 -24.47
C SER A 130 17.28 -10.31 -23.82
N GLY A 131 16.74 -11.45 -24.24
CA GLY A 131 17.22 -12.74 -23.72
C GLY A 131 16.48 -13.27 -22.50
N GLY A 132 15.40 -12.58 -22.13
CA GLY A 132 14.58 -12.99 -21.01
C GLY A 132 13.21 -13.38 -21.49
N ALA A 133 12.47 -14.10 -20.64
CA ALA A 133 11.13 -14.56 -20.95
C ALA A 133 10.27 -14.72 -19.70
N SER A 134 9.24 -13.88 -19.60
CA SER A 134 8.27 -13.94 -18.51
C SER A 134 6.89 -14.32 -19.03
N VAL A 135 6.28 -15.28 -18.36
CA VAL A 135 4.90 -15.64 -18.63
C VAL A 135 4.04 -15.11 -17.48
N VAL A 136 2.99 -14.37 -17.83
CA VAL A 136 2.20 -13.67 -16.81
C VAL A 136 0.79 -14.22 -16.79
N CYS A 137 0.25 -14.32 -15.58
CA CYS A 137 -1.09 -14.74 -15.36
C CYS A 137 -1.78 -13.77 -14.38
N PHE A 138 -2.86 -13.13 -14.83
CA PHE A 138 -3.72 -12.33 -13.97
C PHE A 138 -4.94 -13.13 -13.50
N LEU A 139 -5.20 -13.13 -12.19
CA LEU A 139 -6.37 -13.77 -11.61
C LEU A 139 -7.14 -12.66 -10.91
N ASN A 140 -8.20 -12.18 -11.55
CA ASN A 140 -8.78 -10.90 -11.19
C ASN A 140 -10.20 -10.99 -10.64
N ASN A 141 -10.45 -10.11 -9.69
CA ASN A 141 -11.78 -9.85 -9.13
C ASN A 141 -12.44 -11.07 -8.55
N PHE A 142 -11.72 -11.76 -7.66
CA PHE A 142 -12.26 -12.96 -7.03
C PHE A 142 -12.59 -12.76 -5.54
N TYR A 143 -13.36 -13.69 -4.98
CA TYR A 143 -13.70 -13.70 -3.56
C TYR A 143 -14.14 -15.13 -3.20
N PRO A 144 -13.69 -15.67 -2.05
CA PRO A 144 -12.84 -15.08 -1.01
C PRO A 144 -11.37 -14.93 -1.39
N LYS A 145 -10.58 -14.41 -0.44
CA LYS A 145 -9.20 -14.01 -0.68
C LYS A 145 -8.26 -15.17 -0.95
N ASP A 146 -8.49 -16.31 -0.30
CA ASP A 146 -7.57 -17.44 -0.38
C ASP A 146 -7.49 -17.99 -1.81
N ILE A 147 -6.28 -18.04 -2.37
CA ILE A 147 -6.09 -18.58 -3.72
C ILE A 147 -4.69 -19.19 -3.85
N ASN A 148 -4.59 -20.28 -4.60
CA ASN A 148 -3.30 -20.96 -4.84
C ASN A 148 -3.05 -21.04 -6.34
N VAL A 149 -1.85 -20.67 -6.76
CA VAL A 149 -1.49 -20.74 -8.18
C VAL A 149 -0.27 -21.61 -8.40
N LYS A 150 -0.34 -22.46 -9.41
CA LYS A 150 0.81 -23.24 -9.82
C LYS A 150 1.09 -23.12 -11.32
N TRP A 151 2.36 -22.99 -11.65
CA TRP A 151 2.80 -22.92 -13.04
C TRP A 151 3.31 -24.31 -13.48
N LYS A 152 2.99 -24.70 -14.72
CA LYS A 152 3.52 -25.92 -15.30
C LYS A 152 4.08 -25.69 -16.70
N ILE A 153 5.28 -26.23 -16.94
CA ILE A 153 5.95 -26.16 -18.23
C ILE A 153 6.03 -27.60 -18.75
N ASP A 154 5.29 -27.89 -19.84
CA ASP A 154 5.16 -29.24 -20.36
C ASP A 154 4.82 -30.19 -19.21
N GLY A 155 3.91 -29.77 -18.35
CA GLY A 155 3.46 -30.63 -17.24
C GLY A 155 4.37 -30.70 -16.02
N SER A 156 5.55 -30.07 -16.07
CA SER A 156 6.48 -30.07 -14.93
C SER A 156 6.37 -28.76 -14.15
N GLU A 157 5.88 -28.84 -12.91
CA GLU A 157 5.69 -27.67 -12.06
C GLU A 157 6.99 -26.89 -11.84
N ARG A 158 6.88 -25.55 -11.92
CA ARG A 158 8.01 -24.69 -11.68
C ARG A 158 7.69 -23.61 -10.64
N GLN A 159 8.58 -23.44 -9.67
CA GLN A 159 8.38 -22.44 -8.62
C GLN A 159 9.49 -21.42 -8.60
N ASN A 160 10.73 -21.86 -8.80
CA ASN A 160 11.82 -20.92 -8.98
C ASN A 160 11.49 -19.91 -10.09
N GLY A 161 11.77 -18.63 -9.84
CA GLY A 161 11.51 -17.59 -10.83
C GLY A 161 10.05 -17.17 -10.92
N VAL A 162 9.21 -17.63 -9.98
CA VAL A 162 7.82 -17.19 -9.94
C VAL A 162 7.68 -16.02 -8.97
N LEU A 163 7.09 -14.92 -9.44
CA LEU A 163 6.88 -13.75 -8.59
C LEU A 163 5.37 -13.49 -8.47
N ASN A 164 4.86 -13.47 -7.23
CA ASN A 164 3.43 -13.31 -6.94
C ASN A 164 3.14 -11.98 -6.25
N SER A 165 2.05 -11.34 -6.62
CA SER A 165 1.61 -10.12 -5.95
C SER A 165 0.10 -10.09 -5.82
N TRP A 166 -0.39 -9.70 -4.66
CA TRP A 166 -1.85 -9.64 -4.41
C TRP A 166 -2.29 -8.22 -4.06
N THR A 167 -3.40 -7.76 -4.63
CA THR A 167 -3.91 -6.45 -4.24
C THR A 167 -4.59 -6.51 -2.88
N ASP A 168 -4.80 -5.35 -2.26
CA ASP A 168 -5.64 -5.30 -1.07
C ASP A 168 -7.07 -5.42 -1.54
N GLN A 169 -7.98 -5.75 -0.62
CA GLN A 169 -9.38 -5.80 -0.97
C GLN A 169 -9.81 -4.50 -1.63
N ASP A 170 -10.46 -4.59 -2.78
CA ASP A 170 -10.97 -3.39 -3.45
C ASP A 170 -12.01 -2.65 -2.62
N SER A 171 -11.91 -1.31 -2.58
CA SER A 171 -12.75 -0.46 -1.73
C SER A 171 -14.17 -0.34 -2.24
N LYS A 172 -14.39 -0.76 -3.49
CA LYS A 172 -15.66 -0.50 -4.16
C LYS A 172 -16.47 -1.78 -4.43
N ASP A 173 -15.83 -2.84 -4.92
CA ASP A 173 -16.54 -4.10 -5.23
C ASP A 173 -16.18 -5.27 -4.31
N SER A 174 -15.28 -5.01 -3.35
CA SER A 174 -14.92 -5.94 -2.27
C SER A 174 -14.18 -7.22 -2.77
N THR A 175 -13.70 -7.20 -4.01
CA THR A 175 -12.98 -8.36 -4.56
C THR A 175 -11.47 -8.23 -4.35
N TYR A 176 -10.77 -9.32 -4.65
CA TYR A 176 -9.30 -9.36 -4.61
C TYR A 176 -8.80 -9.72 -6.02
N SER A 177 -7.56 -9.39 -6.29
CA SER A 177 -6.91 -9.77 -7.54
C SER A 177 -5.48 -10.27 -7.27
N MET A 178 -4.92 -11.04 -8.20
CA MET A 178 -3.59 -11.59 -8.06
C MET A 178 -2.86 -11.58 -9.40
N SER A 179 -1.54 -11.40 -9.35
CA SER A 179 -0.69 -11.46 -10.51
C SER A 179 0.41 -12.46 -10.22
N SER A 180 0.68 -13.36 -11.17
CA SER A 180 1.74 -14.38 -11.06
C SER A 180 2.56 -14.32 -12.33
N THR A 181 3.87 -14.06 -12.16
CA THR A 181 4.81 -13.94 -13.26
C THR A 181 5.95 -14.97 -13.17
N LEU A 182 5.96 -15.89 -14.13
CA LEU A 182 7.01 -16.91 -14.24
C LEU A 182 8.13 -16.37 -15.12
N THR A 183 9.31 -16.14 -14.53
CA THR A 183 10.44 -15.68 -15.33
C THR A 183 11.45 -16.82 -15.59
N LEU A 184 11.80 -16.95 -16.87
CA LEU A 184 12.74 -17.95 -17.40
C LEU A 184 13.72 -17.22 -18.30
N THR A 185 14.80 -17.90 -18.69
CA THR A 185 15.66 -17.41 -19.76
C THR A 185 14.97 -17.66 -21.10
N LYS A 186 15.36 -16.92 -22.14
CA LYS A 186 14.83 -17.15 -23.49
C LYS A 186 15.09 -18.60 -23.94
N ASP A 187 16.29 -19.10 -23.70
CA ASP A 187 16.65 -20.46 -24.13
C ASP A 187 15.76 -21.53 -23.51
N GLU A 188 15.45 -21.41 -22.22
CA GLU A 188 14.54 -22.39 -21.61
C GLU A 188 13.13 -22.27 -22.15
N TYR A 189 12.66 -21.04 -22.27
CA TYR A 189 11.32 -20.80 -22.79
C TYR A 189 11.17 -21.54 -24.10
N GLU A 190 12.12 -21.31 -25.00
CA GLU A 190 12.11 -21.85 -26.35
C GLU A 190 12.42 -23.34 -26.43
N ARG A 191 12.69 -23.97 -25.28
CA ARG A 191 12.90 -25.41 -25.22
C ARG A 191 11.63 -26.17 -24.86
N HIS A 192 10.56 -25.44 -24.53
CA HIS A 192 9.31 -26.08 -24.09
C HIS A 192 8.08 -25.53 -24.79
N ASN A 193 6.97 -26.26 -24.68
CA ASN A 193 5.78 -25.97 -25.47
C ASN A 193 4.60 -25.48 -24.62
N SER A 194 4.10 -26.35 -23.75
CA SER A 194 2.91 -26.07 -22.95
C SER A 194 3.24 -25.21 -21.73
N TYR A 195 2.57 -24.06 -21.62
CA TYR A 195 2.74 -23.19 -20.45
C TYR A 195 1.37 -22.93 -19.85
N THR A 196 1.22 -23.28 -18.58
CA THR A 196 -0.09 -23.37 -17.94
C THR A 196 -0.10 -22.73 -16.54
N CYS A 197 -1.05 -21.83 -16.34
CA CYS A 197 -1.34 -21.17 -15.09
C CYS A 197 -2.51 -21.92 -14.44
N GLU A 198 -2.30 -22.52 -13.26
CA GLU A 198 -3.36 -23.29 -12.57
C GLU A 198 -3.76 -22.70 -11.21
N ALA A 199 -5.04 -22.40 -11.04
CA ALA A 199 -5.53 -21.73 -9.85
C ALA A 199 -6.52 -22.54 -9.04
N THR A 200 -6.21 -22.73 -7.76
CA THR A 200 -7.13 -23.40 -6.84
C THR A 200 -7.84 -22.36 -5.97
N HIS A 201 -9.16 -22.31 -6.09
CA HIS A 201 -10.00 -21.37 -5.37
C HIS A 201 -11.27 -22.06 -4.90
N LYS A 202 -11.90 -21.53 -3.85
CA LYS A 202 -13.16 -22.07 -3.30
C LYS A 202 -14.28 -22.27 -4.32
N THR A 203 -14.35 -21.37 -5.30
CA THR A 203 -15.45 -21.38 -6.27
C THR A 203 -15.43 -22.61 -7.21
N SER A 204 -14.33 -23.36 -7.21
CA SER A 204 -14.20 -24.54 -8.06
C SER A 204 -13.58 -25.76 -7.35
N THR A 205 -14.19 -26.94 -7.55
CA THR A 205 -13.64 -28.18 -6.99
C THR A 205 -12.37 -28.64 -7.73
N SER A 206 -12.19 -28.17 -8.96
CA SER A 206 -10.99 -28.50 -9.71
C SER A 206 -10.28 -27.23 -10.23
N PRO A 207 -8.93 -27.24 -10.30
CA PRO A 207 -8.13 -26.12 -10.78
C PRO A 207 -8.75 -25.34 -11.95
N VAL A 208 -8.63 -24.00 -11.90
CA VAL A 208 -9.04 -23.13 -13.00
C VAL A 208 -7.77 -22.94 -13.82
N VAL A 209 -7.83 -23.31 -15.11
CA VAL A 209 -6.64 -23.46 -15.93
C VAL A 209 -6.64 -22.54 -17.15
N LYS A 210 -5.55 -21.80 -17.33
CA LYS A 210 -5.35 -21.09 -18.59
C LYS A 210 -4.03 -21.51 -19.18
N SER A 211 -4.00 -21.70 -20.48
CA SER A 211 -2.85 -22.30 -21.11
C SER A 211 -2.57 -21.75 -22.51
N PHE A 212 -1.31 -21.83 -22.93
CA PHE A 212 -0.98 -21.65 -24.36
C PHE A 212 0.17 -22.57 -24.73
N ASN A 213 0.25 -22.92 -26.02
CA ASN A 213 1.35 -23.72 -26.54
C ASN A 213 2.27 -22.85 -27.39
N ARG A 214 3.55 -22.77 -27.02
CA ARG A 214 4.48 -21.86 -27.67
C ARG A 214 4.57 -22.03 -29.21
N ASN A 215 4.48 -23.26 -29.69
CA ASN A 215 4.66 -23.46 -31.14
C ASN A 215 3.36 -23.31 -31.94
N GLU A 216 2.27 -23.00 -31.24
CA GLU A 216 1.02 -22.58 -31.88
C GLU A 216 0.94 -21.06 -32.02
N CYS A 217 1.89 -20.35 -31.40
CA CYS A 217 1.89 -18.88 -31.39
C CYS A 217 2.03 -18.26 -32.78
N GLU B 1 -7.11 24.37 3.18
CA GLU B 1 -6.88 25.22 4.39
C GLU B 1 -5.54 24.91 5.06
N VAL B 2 -5.53 23.92 5.95
CA VAL B 2 -4.29 23.43 6.57
C VAL B 2 -3.54 22.55 5.56
N MET B 3 -2.22 22.74 5.46
CA MET B 3 -1.40 21.95 4.52
C MET B 3 -0.08 21.49 5.15
N LEU B 4 0.28 20.24 4.90
CA LEU B 4 1.56 19.67 5.32
C LEU B 4 2.17 18.91 4.14
N VAL B 5 3.42 19.23 3.81
CA VAL B 5 4.08 18.60 2.66
C VAL B 5 5.47 18.11 3.04
N GLU B 6 5.64 16.79 2.99
CA GLU B 6 6.93 16.18 3.31
C GLU B 6 7.82 16.22 2.07
N SER B 7 9.13 16.38 2.28
CA SER B 7 10.10 16.28 1.20
C SER B 7 11.44 15.74 1.72
N GLY B 8 12.30 15.32 0.81
CA GLY B 8 13.66 14.92 1.19
C GLY B 8 13.86 13.42 1.24
N GLY B 9 12.81 12.68 0.93
CA GLY B 9 12.86 11.23 0.92
C GLY B 9 13.43 10.74 -0.38
N GLY B 10 14.29 9.74 -0.29
CA GLY B 10 14.89 9.16 -1.46
C GLY B 10 15.62 7.90 -1.08
N LEU B 11 16.48 7.46 -1.99
CA LEU B 11 17.35 6.32 -1.77
C LEU B 11 18.59 6.75 -1.01
N VAL B 12 18.95 6.02 0.02
CA VAL B 12 20.09 6.39 0.84
C VAL B 12 20.86 5.13 1.28
N GLN B 13 22.19 5.23 1.25
CA GLN B 13 23.03 4.10 1.65
C GLN B 13 22.98 3.83 3.16
N PRO B 14 23.15 2.56 3.55
CA PRO B 14 23.18 2.19 4.97
C PRO B 14 24.34 2.88 5.69
N GLY B 15 24.11 3.28 6.94
CA GLY B 15 25.09 4.06 7.73
C GLY B 15 25.02 5.52 7.35
N GLY B 16 24.27 5.82 6.30
CA GLY B 16 24.10 7.19 5.80
C GLY B 16 23.23 8.06 6.69
N SER B 17 23.06 9.31 6.27
CA SER B 17 22.28 10.27 7.03
C SER B 17 21.41 11.07 6.10
N LEU B 18 20.22 11.42 6.56
CA LEU B 18 19.30 12.21 5.76
C LEU B 18 18.48 13.18 6.62
N ARG B 19 18.16 14.33 6.05
CA ARG B 19 17.26 15.24 6.71
C ARG B 19 16.00 15.44 5.87
N LEU B 20 14.85 15.16 6.47
CA LEU B 20 13.55 15.33 5.82
C LEU B 20 12.92 16.62 6.31
N SER B 21 12.15 17.26 5.45
CA SER B 21 11.47 18.52 5.80
C SER B 21 9.94 18.39 5.68
N CYS B 22 9.21 19.27 6.38
CA CYS B 22 7.76 19.27 6.32
C CYS B 22 7.25 20.71 6.22
N ALA B 23 6.61 21.02 5.09
CA ALA B 23 6.17 22.38 4.75
C ALA B 23 4.72 22.65 5.11
N THR B 24 4.51 23.68 5.94
CA THR B 24 3.20 23.91 6.55
C THR B 24 2.59 25.26 6.18
N SER B 25 1.27 25.31 6.08
CA SER B 25 0.54 26.54 5.82
C SER B 25 -0.90 26.40 6.30
N GLY B 26 -1.62 27.51 6.35
CA GLY B 26 -3.04 27.53 6.68
C GLY B 26 -3.40 27.52 8.16
N PHE B 27 -2.37 27.57 9.02
CA PHE B 27 -2.54 27.68 10.47
C PHE B 27 -1.33 28.38 11.08
N THR B 28 -1.46 28.81 12.34
CA THR B 28 -0.38 29.47 13.06
C THR B 28 0.63 28.44 13.57
N PHE B 29 1.63 28.19 12.71
CA PHE B 29 2.69 27.20 12.95
C PHE B 29 3.29 27.21 14.37
N ILE B 30 3.43 28.41 14.92
CA ILE B 30 4.21 28.65 16.13
C ILE B 30 3.50 28.12 17.39
N ASP B 31 2.19 27.96 17.29
CA ASP B 31 1.36 27.52 18.43
C ASP B 31 1.22 25.99 18.56
N TYR B 32 1.80 25.25 17.62
CA TYR B 32 1.59 23.79 17.56
C TYR B 32 2.83 22.94 17.81
N TYR B 33 2.64 21.86 18.56
CA TYR B 33 3.59 20.75 18.54
C TYR B 33 3.55 20.14 17.15
N MET B 34 4.66 19.54 16.73
CA MET B 34 4.74 18.91 15.42
C MET B 34 5.38 17.54 15.55
N SER B 35 4.68 16.50 15.11
CA SER B 35 5.16 15.14 15.27
C SER B 35 5.62 14.55 13.96
N TRP B 36 6.52 13.56 14.05
CA TRP B 36 6.90 12.73 12.91
C TRP B 36 6.49 11.28 13.20
N VAL B 37 5.91 10.62 12.20
CA VAL B 37 5.45 9.24 12.31
C VAL B 37 5.95 8.52 11.05
N ARG B 38 6.39 7.28 11.22
CA ARG B 38 6.76 6.48 10.05
C ARG B 38 5.95 5.20 9.92
N GLN B 39 6.07 4.57 8.75
CA GLN B 39 5.40 3.31 8.48
C GLN B 39 6.19 2.48 7.48
N PRO B 40 6.83 1.38 7.95
CA PRO B 40 7.46 0.47 7.01
C PRO B 40 6.37 -0.15 6.14
N PRO B 41 6.68 -0.42 4.86
CA PRO B 41 5.69 -1.01 3.94
C PRO B 41 4.98 -2.20 4.55
N GLY B 42 3.65 -2.16 4.55
CA GLY B 42 2.83 -3.24 5.10
C GLY B 42 2.92 -3.43 6.61
N LYS B 43 3.43 -2.43 7.32
CA LYS B 43 3.60 -2.53 8.76
C LYS B 43 2.80 -1.44 9.49
N ALA B 44 2.84 -1.46 10.81
CA ALA B 44 2.11 -0.49 11.62
C ALA B 44 2.79 0.86 11.63
N LEU B 45 2.00 1.88 11.95
CA LEU B 45 2.50 3.23 12.14
C LEU B 45 3.37 3.28 13.39
N GLU B 46 4.40 4.13 13.37
CA GLU B 46 5.28 4.30 14.53
C GLU B 46 5.58 5.77 14.76
N TRP B 47 5.14 6.29 15.91
CA TRP B 47 5.48 7.67 16.29
C TRP B 47 6.98 7.76 16.63
N LEU B 48 7.62 8.81 16.15
CA LEU B 48 9.06 8.95 16.28
C LEU B 48 9.45 10.05 17.26
N GLY B 49 8.70 11.15 17.25
CA GLY B 49 8.95 12.27 18.15
C GLY B 49 8.20 13.53 17.78
N PHE B 50 8.30 14.56 18.62
CA PHE B 50 7.77 15.87 18.27
C PHE B 50 8.68 17.04 18.68
N ILE B 51 8.44 18.21 18.08
CA ILE B 51 8.98 19.47 18.59
C ILE B 51 7.82 20.31 19.18
N ARG B 52 8.05 20.86 20.37
CA ARG B 52 7.02 21.60 21.11
C ARG B 52 6.78 23.00 20.56
N ASN B 53 5.64 23.61 20.94
CA ASN B 53 5.28 24.96 20.51
C ASN B 53 5.98 26.05 21.32
N LYS B 54 5.92 27.30 20.83
CA LYS B 54 6.57 28.44 21.50
C LYS B 54 6.34 28.46 23.01
N GLY B 55 5.07 28.38 23.40
CA GLY B 55 4.68 28.35 24.82
C GLY B 55 5.37 27.30 25.67
N ASN B 56 5.95 26.28 25.03
CA ASN B 56 6.65 25.24 25.76
C ASN B 56 8.14 25.13 25.42
N GLY B 57 8.67 26.20 24.84
CA GLY B 57 10.11 26.35 24.64
C GLY B 57 10.73 25.55 23.50
N TYR B 58 9.96 25.30 22.44
CA TYR B 58 10.44 24.62 21.23
C TYR B 58 11.31 23.40 21.46
N THR B 59 11.14 22.76 22.61
CA THR B 59 11.92 21.59 22.95
C THR B 59 11.36 20.34 22.26
N THR B 60 12.12 19.25 22.30
CA THR B 60 11.77 18.05 21.55
C THR B 60 11.68 16.85 22.48
N GLU B 61 10.96 15.82 22.02
CA GLU B 61 10.85 14.50 22.68
C GLU B 61 10.81 13.45 21.58
N TYR B 62 11.36 12.27 21.86
CA TYR B 62 11.52 11.21 20.87
C TYR B 62 11.06 9.89 21.43
N SER B 63 10.74 8.96 20.53
CA SER B 63 10.45 7.58 20.94
C SER B 63 11.71 6.88 21.37
N THR B 64 11.57 5.81 22.16
CA THR B 64 12.69 4.99 22.60
C THR B 64 13.53 4.48 21.41
N SER B 65 12.86 4.18 20.30
CA SER B 65 13.47 3.51 19.16
C SER B 65 14.41 4.38 18.34
N VAL B 66 14.30 5.70 18.49
CA VAL B 66 15.14 6.62 17.70
C VAL B 66 15.81 7.77 18.50
N LYS B 67 15.65 7.75 19.83
CA LYS B 67 16.16 8.81 20.72
C LYS B 67 17.68 9.00 20.61
N ARG B 69 19.44 9.17 17.93
CA ARG B 69 19.74 8.87 16.52
C ARG B 69 19.03 9.83 15.56
N PHE B 70 17.78 10.16 15.84
CA PHE B 70 17.04 11.15 15.05
C PHE B 70 16.96 12.48 15.78
N THR B 71 16.80 13.55 15.02
CA THR B 71 16.69 14.91 15.58
C THR B 71 15.64 15.74 14.86
N ILE B 72 14.80 16.44 15.64
CA ILE B 72 13.74 17.29 15.10
C ILE B 72 14.00 18.77 15.36
N SER B 73 13.68 19.62 14.37
CA SER B 73 13.89 21.07 14.46
C SER B 73 12.88 21.82 13.56
N ARG B 74 12.88 23.16 13.63
CA ARG B 74 11.87 23.95 12.91
C ARG B 74 12.29 25.39 12.53
N ASP B 75 11.72 25.89 11.44
CA ASP B 75 11.92 27.26 10.96
C ASP B 75 10.63 28.07 11.17
N ASN B 76 10.66 28.98 12.14
CA ASN B 76 9.46 29.73 12.52
C ASN B 76 9.26 31.02 11.74
N SER B 79 7.90 28.35 7.66
CA SER B 79 7.19 27.51 8.63
C SER B 79 7.36 26.03 8.29
N ALA B 80 8.56 25.52 8.55
CA ALA B 80 8.96 24.17 8.18
C ALA B 80 9.48 23.43 9.41
N VAL B 81 9.26 22.11 9.45
CA VAL B 81 9.80 21.26 10.52
C VAL B 81 10.67 20.14 9.94
N TYR B 82 11.78 19.84 10.60
CA TYR B 82 12.79 18.94 10.06
C TYR B 82 12.93 17.67 10.87
N LEU B 83 13.36 16.59 10.21
CA LEU B 83 13.75 15.36 10.88
C LEU B 83 15.13 14.96 10.38
N GLN B 84 16.13 15.08 11.25
CA GLN B 84 17.50 14.69 10.92
C GLN B 84 17.71 13.22 11.31
N MET B 85 18.01 12.38 10.33
CA MET B 85 18.21 10.95 10.57
C MET B 85 19.67 10.55 10.40
N ASN B 86 20.24 9.86 11.39
CA ASN B 86 21.65 9.42 11.31
C ASN B 86 21.78 7.91 11.37
N THR B 87 22.93 7.41 10.90
CA THR B 87 23.24 5.97 10.88
C THR B 87 22.01 5.17 10.44
N LEU B 88 21.50 5.50 9.27
CA LEU B 88 20.33 4.85 8.71
C LEU B 88 20.59 3.38 8.45
N ARG B 89 19.61 2.54 8.78
CA ARG B 89 19.66 1.10 8.50
C ARG B 89 18.34 0.61 7.87
N ALA B 90 18.28 -0.70 7.61
CA ALA B 90 17.16 -1.37 6.93
C ALA B 90 15.81 -1.04 7.54
N GLU B 91 15.71 -1.16 8.87
CA GLU B 91 14.47 -0.93 9.60
C GLU B 91 13.95 0.50 9.47
N ASP B 92 14.78 1.41 8.97
CA ASP B 92 14.37 2.80 8.80
C ASP B 92 13.64 3.01 7.47
N SER B 93 13.66 2.01 6.59
CA SER B 93 13.01 2.14 5.28
C SER B 93 11.51 2.22 5.50
N ALA B 94 10.91 3.34 5.11
CA ALA B 94 9.50 3.60 5.43
C ALA B 94 9.00 4.85 4.76
N THR B 95 7.68 5.01 4.74
CA THR B 95 7.08 6.30 4.41
C THR B 95 7.09 7.11 5.71
N TYR B 96 7.60 8.34 5.63
CA TYR B 96 7.69 9.24 6.76
C TYR B 96 6.68 10.37 6.67
N TYR B 97 5.90 10.55 7.73
CA TYR B 97 4.86 11.57 7.75
C TYR B 97 5.15 12.61 8.80
N CYS B 98 4.77 13.85 8.51
CA CYS B 98 4.62 14.83 9.56
C CYS B 98 3.14 15.00 9.85
N ALA B 99 2.82 15.28 11.10
CA ALA B 99 1.44 15.55 11.49
C ALA B 99 1.39 16.70 12.51
N ARG B 100 0.37 17.56 12.39
CA ARG B 100 0.16 18.63 13.37
C ARG B 100 -0.27 18.03 14.71
N ASP B 101 0.56 18.20 15.73
CA ASP B 101 0.27 17.67 17.05
C ASP B 101 -0.56 18.71 17.85
N ILE B 102 -0.55 18.61 19.18
CA ILE B 102 -1.39 19.47 20.03
C ILE B 102 -1.04 20.95 19.91
N GLY B 103 -2.07 21.78 19.93
CA GLY B 103 -1.93 23.22 20.08
C GLY B 103 -2.63 23.59 21.36
N TYR B 104 -3.76 24.29 21.22
CA TYR B 104 -4.54 24.71 22.39
C TYR B 104 -5.96 24.14 22.44
N GLY B 105 -6.15 22.97 21.84
CA GLY B 105 -7.41 22.26 21.90
C GLY B 105 -7.73 21.46 20.67
N ASN B 106 -7.26 21.90 19.52
CA ASN B 106 -7.47 21.15 18.29
C ASN B 106 -6.87 19.73 18.37
N SER B 107 -7.53 18.75 17.75
CA SER B 107 -7.08 17.36 17.88
C SER B 107 -5.70 17.22 17.26
N PRO B 108 -4.80 16.50 17.95
CA PRO B 108 -3.51 16.14 17.36
C PRO B 108 -3.70 14.96 16.39
N PHE B 109 -2.86 14.89 15.35
CA PHE B 109 -2.94 13.84 14.34
C PHE B 109 -4.26 13.84 13.54
N ALA B 110 -4.87 15.01 13.42
CA ALA B 110 -6.00 15.17 12.49
C ALA B 110 -5.43 15.48 11.11
N TYR B 111 -4.38 16.28 11.06
CA TYR B 111 -3.77 16.66 9.78
C TYR B 111 -2.45 15.96 9.57
N TRP B 112 -2.34 15.27 8.43
CA TRP B 112 -1.15 14.50 8.08
C TRP B 112 -0.73 14.91 6.69
N GLY B 113 0.56 14.87 6.41
CA GLY B 113 1.02 15.08 5.06
C GLY B 113 0.83 13.81 4.25
N GLN B 114 1.22 13.86 2.98
CA GLN B 114 1.18 12.69 2.10
C GLN B 114 2.34 11.73 2.33
N GLY B 115 3.37 12.20 3.02
CA GLY B 115 4.51 11.36 3.35
C GLY B 115 5.64 11.47 2.35
N THR B 116 6.83 11.07 2.77
CA THR B 116 7.98 10.98 1.88
C THR B 116 8.67 9.62 2.04
N LEU B 117 8.88 8.93 0.92
CA LEU B 117 9.42 7.58 0.99
C LEU B 117 10.93 7.54 1.18
N VAL B 118 11.37 6.89 2.25
CA VAL B 118 12.80 6.67 2.48
C VAL B 118 13.16 5.19 2.24
N THR B 119 14.16 4.98 1.38
CA THR B 119 14.64 3.64 1.08
C THR B 119 16.13 3.52 1.45
N VAL B 120 16.42 2.70 2.45
CA VAL B 120 17.80 2.48 2.91
C VAL B 120 18.35 1.21 2.26
N SER B 121 19.27 1.38 1.30
CA SER B 121 19.77 0.25 0.53
C SER B 121 21.06 0.61 -0.17
N ALA B 122 21.89 -0.39 -0.40
CA ALA B 122 23.12 -0.25 -1.19
C ALA B 122 22.88 -0.40 -2.69
N ALA B 123 21.75 -1.01 -3.07
CA ALA B 123 21.38 -1.18 -4.48
C ALA B 123 21.23 0.17 -5.18
N SER B 124 21.51 0.19 -6.48
CA SER B 124 21.53 1.46 -7.22
C SER B 124 20.24 1.71 -7.98
N ILE B 125 19.92 3.01 -8.16
CA ILE B 125 18.78 3.45 -8.95
C ILE B 125 18.86 2.84 -10.34
N THR B 126 17.77 2.19 -10.75
CA THR B 126 17.68 1.48 -12.03
C THR B 126 16.33 1.75 -12.68
N PRO B 127 16.32 2.13 -13.98
CA PRO B 127 15.07 2.30 -14.73
C PRO B 127 14.37 0.97 -15.01
N PRO B 128 13.03 1.00 -15.21
CA PRO B 128 12.27 -0.22 -15.50
C PRO B 128 12.40 -0.64 -16.96
N SER B 129 12.23 -1.92 -17.22
CA SER B 129 11.88 -2.35 -18.56
C SER B 129 10.37 -2.55 -18.57
N VAL B 130 9.71 -2.03 -19.61
CA VAL B 130 8.25 -2.14 -19.75
C VAL B 130 7.88 -3.08 -20.90
N TYR B 131 7.16 -4.15 -20.59
CA TYR B 131 6.75 -5.11 -21.60
C TYR B 131 5.23 -5.18 -21.76
N PRO B 132 4.74 -5.14 -23.02
CA PRO B 132 3.31 -5.21 -23.28
C PRO B 132 2.84 -6.65 -23.12
N LEU B 133 1.66 -6.83 -22.53
CA LEU B 133 1.10 -8.17 -22.38
C LEU B 133 -0.15 -8.22 -23.24
N ALA B 134 -0.02 -8.83 -24.42
CA ALA B 134 -1.15 -9.02 -25.31
C ALA B 134 -1.55 -10.50 -25.31
N PRO B 135 -2.87 -10.77 -25.43
CA PRO B 135 -3.38 -12.14 -25.52
C PRO B 135 -2.64 -12.93 -26.59
N GLY B 136 -2.33 -14.20 -26.30
CA GLY B 136 -1.65 -15.06 -27.27
C GLY B 136 -2.42 -15.26 -28.58
N SER B 143 -16.01 -10.87 -25.12
CA SER B 143 -16.83 -9.67 -24.92
C SER B 143 -16.08 -8.58 -24.16
N MET B 144 -15.12 -9.02 -23.35
CA MET B 144 -14.33 -8.13 -22.54
C MET B 144 -12.93 -8.70 -22.66
N VAL B 145 -11.94 -7.84 -22.83
CA VAL B 145 -10.57 -8.31 -23.03
C VAL B 145 -9.59 -7.70 -22.02
N THR B 146 -8.76 -8.56 -21.44
CA THR B 146 -7.77 -8.15 -20.46
C THR B 146 -6.40 -8.03 -21.12
N LEU B 147 -5.80 -6.84 -20.96
CA LEU B 147 -4.45 -6.55 -21.44
C LEU B 147 -3.61 -6.15 -20.24
N GLY B 148 -2.30 -6.05 -20.41
CA GLY B 148 -1.46 -5.72 -19.27
C GLY B 148 -0.09 -5.21 -19.63
N CYS B 149 0.63 -4.72 -18.62
CA CYS B 149 2.01 -4.33 -18.78
C CYS B 149 2.83 -4.93 -17.66
N LEU B 150 4.01 -5.39 -18.03
CA LEU B 150 4.96 -5.91 -17.06
C LEU B 150 6.07 -4.90 -16.89
N VAL B 151 6.23 -4.40 -15.66
CA VAL B 151 7.26 -3.39 -15.35
C VAL B 151 8.35 -4.06 -14.50
N LYS B 152 9.50 -4.28 -15.11
CA LYS B 152 10.46 -5.18 -14.52
C LYS B 152 11.84 -4.55 -14.36
N GLY B 153 12.50 -4.84 -13.24
CA GLY B 153 13.93 -4.53 -13.06
C GLY B 153 14.28 -3.13 -12.60
N TYR B 154 13.40 -2.48 -11.83
CA TYR B 154 13.67 -1.11 -11.41
C TYR B 154 14.03 -0.97 -9.93
N PHE B 155 14.53 0.20 -9.58
CA PHE B 155 14.88 0.52 -8.18
C PHE B 155 15.17 2.01 -8.06
N PRO B 156 14.72 2.65 -6.96
CA PRO B 156 13.85 2.10 -5.93
C PRO B 156 12.39 2.29 -6.35
N GLU B 157 11.46 2.12 -5.40
CA GLU B 157 10.08 2.50 -5.60
C GLU B 157 10.02 4.01 -5.51
N PRO B 158 8.96 4.63 -6.08
CA PRO B 158 7.84 3.94 -6.75
C PRO B 158 7.76 4.16 -8.25
N VAL B 159 6.91 3.37 -8.89
CA VAL B 159 6.52 3.59 -10.27
C VAL B 159 5.03 3.73 -10.29
N THR B 160 4.55 4.52 -11.25
CA THR B 160 3.12 4.74 -11.39
C THR B 160 2.73 4.27 -12.78
N VAL B 161 1.50 3.76 -12.90
CA VAL B 161 0.97 3.22 -14.15
C VAL B 161 -0.41 3.81 -14.35
N THR B 162 -0.64 4.35 -15.54
CA THR B 162 -1.98 4.69 -15.98
C THR B 162 -2.23 3.98 -17.31
N TRP B 163 -3.51 3.96 -17.72
CA TRP B 163 -3.86 3.41 -19.04
C TRP B 163 -4.54 4.48 -19.90
N ASN B 164 -4.07 4.64 -21.13
CA ASN B 164 -4.55 5.71 -22.01
C ASN B 164 -4.60 7.09 -21.32
N SER B 165 -3.50 7.39 -20.61
CA SER B 165 -3.32 8.67 -19.92
C SER B 165 -4.45 8.96 -18.93
N GLY B 166 -4.98 7.91 -18.31
CA GLY B 166 -6.03 8.06 -17.30
C GLY B 166 -7.43 7.93 -17.86
N SER B 167 -7.55 7.95 -19.18
CA SER B 167 -8.83 7.80 -19.84
C SER B 167 -9.50 6.47 -19.51
N LEU B 168 -8.68 5.43 -19.32
CA LEU B 168 -9.18 4.12 -18.90
C LEU B 168 -8.96 4.00 -17.41
N SER B 169 -10.01 4.29 -16.66
CA SER B 169 -9.92 4.32 -15.20
C SER B 169 -10.55 3.10 -14.58
N SER B 170 -11.66 2.66 -15.16
CA SER B 170 -12.36 1.49 -14.68
C SER B 170 -11.64 0.20 -15.12
N GLY B 171 -11.75 -0.85 -14.31
CA GLY B 171 -11.25 -2.18 -14.67
C GLY B 171 -9.73 -2.30 -14.72
N VAL B 172 -9.04 -1.42 -13.99
CA VAL B 172 -7.60 -1.44 -13.90
C VAL B 172 -7.17 -2.14 -12.60
N HIS B 173 -6.21 -3.04 -12.71
CA HIS B 173 -5.54 -3.58 -11.52
C HIS B 173 -4.02 -3.35 -11.58
N THR B 174 -3.50 -2.51 -10.69
CA THR B 174 -2.04 -2.31 -10.62
C THR B 174 -1.52 -2.96 -9.35
N PHE B 175 -0.63 -3.93 -9.51
CA PHE B 175 -0.24 -4.81 -8.39
C PHE B 175 0.91 -4.23 -7.58
N PRO B 176 0.91 -4.50 -6.25
CA PRO B 176 2.04 -4.05 -5.43
C PRO B 176 3.36 -4.59 -5.98
N ALA B 177 4.39 -3.74 -5.95
CA ALA B 177 5.72 -4.12 -6.37
C ALA B 177 6.29 -5.18 -5.42
N VAL B 178 7.05 -6.12 -5.98
CA VAL B 178 7.72 -7.14 -5.21
C VAL B 178 9.22 -7.11 -5.54
N LEU B 179 10.02 -7.13 -4.49
CA LEU B 179 11.47 -7.05 -4.62
C LEU B 179 12.07 -8.44 -4.75
N GLN B 180 12.89 -8.63 -5.79
CA GLN B 180 13.66 -9.87 -5.96
C GLN B 180 15.10 -9.55 -6.37
N SER B 181 16.06 -10.00 -5.54
CA SER B 181 17.50 -9.75 -5.77
C SER B 181 17.76 -8.28 -6.08
N ASP B 182 17.23 -7.43 -5.22
CA ASP B 182 17.42 -5.98 -5.25
C ASP B 182 16.83 -5.25 -6.45
N LEU B 183 15.94 -5.93 -7.18
CA LEU B 183 15.18 -5.28 -8.25
C LEU B 183 13.67 -5.48 -8.08
N TYR B 184 12.91 -4.41 -8.31
CA TYR B 184 11.44 -4.49 -8.20
C TYR B 184 10.79 -4.91 -9.49
N THR B 185 9.69 -5.64 -9.34
CA THR B 185 8.80 -5.97 -10.45
C THR B 185 7.37 -5.64 -10.05
N LEU B 186 6.64 -4.95 -10.93
CA LEU B 186 5.20 -4.83 -10.78
C LEU B 186 4.50 -5.05 -12.12
N SER B 187 3.20 -5.32 -12.06
CA SER B 187 2.41 -5.48 -13.26
C SER B 187 1.11 -4.73 -13.08
N SER B 188 0.46 -4.44 -14.21
CA SER B 188 -0.83 -3.79 -14.20
C SER B 188 -1.66 -4.38 -15.31
N SER B 189 -2.93 -4.64 -15.03
CA SER B 189 -3.86 -5.15 -16.03
C SER B 189 -5.01 -4.15 -16.21
N VAL B 190 -5.57 -4.15 -17.41
CA VAL B 190 -6.75 -3.34 -17.73
C VAL B 190 -7.71 -4.24 -18.51
N THR B 191 -9.00 -4.13 -18.21
CA THR B 191 -10.02 -4.88 -18.91
C THR B 191 -10.93 -3.89 -19.64
N VAL B 192 -10.98 -4.03 -20.96
CA VAL B 192 -11.74 -3.13 -21.82
C VAL B 192 -12.78 -3.90 -22.65
N PRO B 193 -13.81 -3.21 -23.16
CA PRO B 193 -14.77 -3.86 -24.07
C PRO B 193 -14.02 -4.40 -25.30
N SER B 194 -14.48 -5.52 -25.84
CA SER B 194 -13.91 -6.03 -27.07
C SER B 194 -14.03 -5.02 -28.22
N SER B 195 -14.95 -4.07 -28.08
CA SER B 195 -15.13 -3.05 -29.11
C SER B 195 -14.04 -1.97 -29.13
N THR B 196 -13.26 -1.85 -28.04
CA THR B 196 -12.20 -0.84 -28.03
C THR B 196 -10.87 -1.35 -28.59
N TRP B 197 -10.55 -2.61 -28.31
CA TRP B 197 -9.28 -3.22 -28.68
C TRP B 197 -9.56 -4.57 -29.35
N PRO B 198 -8.83 -4.90 -30.45
CA PRO B 198 -7.74 -4.18 -31.09
C PRO B 198 -8.16 -3.13 -32.12
N SER B 199 -9.46 -2.85 -32.23
CA SER B 199 -9.98 -1.77 -33.07
C SER B 199 -9.17 -0.49 -32.85
N GLU B 200 -8.98 -0.10 -31.59
CA GLU B 200 -8.23 1.11 -31.30
C GLU B 200 -7.11 0.80 -30.34
N THR B 201 -6.30 1.80 -30.00
CA THR B 201 -5.08 1.49 -29.27
C THR B 201 -5.15 1.71 -27.76
N VAL B 202 -4.62 0.74 -27.02
CA VAL B 202 -4.53 0.81 -25.58
C VAL B 202 -3.06 0.89 -25.16
N THR B 203 -2.74 1.87 -24.31
CA THR B 203 -1.34 2.15 -23.95
C THR B 203 -1.20 2.17 -22.43
N CYS B 204 -0.19 1.50 -21.90
CA CYS B 204 0.11 1.72 -20.51
C CYS B 204 1.18 2.81 -20.41
N ASN B 205 0.97 3.75 -19.50
CA ASN B 205 1.88 4.86 -19.26
C ASN B 205 2.61 4.65 -17.95
N VAL B 206 3.90 4.37 -18.03
CA VAL B 206 4.73 4.04 -16.87
C VAL B 206 5.69 5.18 -16.57
N ALA B 207 5.78 5.54 -15.30
CA ALA B 207 6.72 6.57 -14.86
C ALA B 207 7.54 6.07 -13.68
N HIS B 208 8.84 6.38 -13.73
CA HIS B 208 9.76 6.06 -12.64
C HIS B 208 10.56 7.34 -12.31
N PRO B 209 9.98 8.23 -11.48
CA PRO B 209 10.60 9.54 -11.20
C PRO B 209 12.04 9.44 -10.72
N ALA B 210 12.38 8.38 -9.98
CA ALA B 210 13.74 8.21 -9.46
C ALA B 210 14.79 8.08 -10.56
N SER B 211 14.42 7.44 -11.67
CA SER B 211 15.35 7.31 -12.79
C SER B 211 15.02 8.29 -13.92
N SER B 212 14.06 9.19 -13.69
CA SER B 212 13.58 10.13 -14.72
C SER B 212 13.18 9.40 -15.98
N THR B 213 12.39 8.33 -15.81
CA THR B 213 11.89 7.51 -16.92
C THR B 213 10.38 7.72 -17.09
N LYS B 214 9.96 7.92 -18.34
CA LYS B 214 8.56 7.90 -18.74
C LYS B 214 8.50 7.07 -20.00
N VAL B 215 7.76 5.95 -19.96
CA VAL B 215 7.60 5.05 -21.11
C VAL B 215 6.11 4.81 -21.37
N ASP B 216 5.68 4.96 -22.63
CA ASP B 216 4.32 4.62 -23.03
C ASP B 216 4.38 3.41 -23.93
N LYS B 217 3.83 2.30 -23.48
CA LYS B 217 3.89 1.07 -24.23
C LYS B 217 2.52 0.68 -24.77
N LYS B 218 2.43 0.64 -26.10
CA LYS B 218 1.20 0.24 -26.77
C LYS B 218 1.05 -1.27 -26.72
N ILE B 219 -0.18 -1.76 -26.52
CA ILE B 219 -0.43 -3.21 -26.56
C ILE B 219 -0.94 -3.56 -27.94
N VAL B 220 -0.05 -4.10 -28.78
CA VAL B 220 -0.41 -4.45 -30.14
C VAL B 220 -0.66 -5.96 -30.27
N PRO B 221 -1.74 -6.35 -30.98
CA PRO B 221 -2.10 -7.76 -31.21
C PRO B 221 -0.95 -8.53 -31.82
N ARG B 222 -0.83 -9.80 -31.46
CA ARG B 222 0.22 -10.65 -32.04
C ARG B 222 -0.11 -10.98 -33.51
C1 KDO C . 4.50 17.79 26.65
O1A KDO C . 5.32 16.87 26.80
O1B KDO C . 4.79 18.96 26.33
C2 KDO C . 3.03 17.44 26.83
O2 KDO C . 2.30 18.64 27.11
C3 KDO C . 2.46 16.80 25.54
C4 KDO C . 1.03 16.28 25.78
O4 KDO C . 0.51 15.54 24.66
C5 KDO C . 0.93 15.42 27.03
O5 KDO C . 1.63 14.20 26.82
C6 KDO C . 1.55 16.21 28.21
O6 KDO C . 2.92 16.52 27.91
C7 KDO C . 1.56 15.51 29.56
O7 KDO C . 2.27 14.29 29.41
C8 KDO C . 0.15 15.22 30.06
O8 KDO C . 0.21 13.98 30.84
#